data_1HXE
#
_entry.id   1HXE
#
_cell.length_a   71.500
_cell.length_b   72.300
_cell.length_c   73.300
_cell.angle_alpha   90.00
_cell.angle_beta   101.00
_cell.angle_gamma   90.00
#
_symmetry.space_group_name_H-M   'C 1 2 1'
#
loop_
_entity.id
_entity.type
_entity.pdbx_description
1 polymer THROMBIN
2 polymer THROMBIN
3 polymer 'HIRUDIN VARIANT-1'
4 non-polymer 'RUBIDIUM ION'
5 water water
#
loop_
_entity_poly.entity_id
_entity_poly.type
_entity_poly.pdbx_seq_one_letter_code
_entity_poly.pdbx_strand_id
1 'polypeptide(L)' TFGSGEADCGLRPLFEKKSLEDKTERELLESYIDGR L
2 'polypeptide(L)'
;IVEGSDAEIGMSPWQVMLFRKSPQELLCGASLISDRWVLTAAHCLLYPPWDKNFTENDLLVRIGKHSRTRYERNIEKISM
LEKIYIHPRYNWRENLDRDIALMKLKKPVAFSDYIHPVCLPDRETAASLLQAGYKGRVTGWGNLKETWTANVGKGQPSVL
QVVNLPIVERPVCKDSTRIRITDNMFCAGYKPDEGKRGDACEGDSGGPFVMKSPFNNRWYQMGIVSWGEGCDRDGKYGFY
THVFRLKKWIQKVIDQFGE
;
H
3 'polypeptide(L)' DFEEIPGEYL I
#
loop_
_chem_comp.id
_chem_comp.type
_chem_comp.name
_chem_comp.formula
RB non-polymer 'RUBIDIUM ION' 'Rb 1'
#
# COMPACT_ATOMS: atom_id res chain seq x y z
N ASP A 8 -6.02 18.24 -0.99
CA ASP A 8 -4.63 18.69 -0.74
C ASP A 8 -3.67 17.55 -1.15
N CYS A 9 -4.42 16.51 -1.50
CA CYS A 9 -3.92 15.17 -1.79
C CYS A 9 -2.64 15.09 -2.59
N GLY A 10 -1.79 14.18 -2.18
CA GLY A 10 -0.58 13.86 -2.93
C GLY A 10 0.51 14.86 -2.96
N LEU A 11 0.48 15.97 -2.20
CA LEU A 11 1.63 16.90 -2.15
C LEU A 11 2.19 16.79 -0.74
N ARG A 12 3.40 16.34 -0.59
CA ARG A 12 4.07 16.05 0.68
C ARG A 12 4.54 17.29 1.41
N PRO A 13 4.19 17.39 2.71
CA PRO A 13 4.58 18.55 3.50
C PRO A 13 6.06 18.86 3.43
N LEU A 14 6.88 17.83 3.38
CA LEU A 14 8.33 17.93 3.41
C LEU A 14 8.99 17.88 2.06
N PHE A 15 8.25 17.63 0.97
CA PHE A 15 8.97 17.52 -0.31
C PHE A 15 8.36 18.51 -1.29
N GLU A 16 7.31 18.11 -1.93
CA GLU A 16 6.55 18.83 -2.92
C GLU A 16 6.26 20.22 -2.41
N LYS A 17 5.79 20.35 -1.18
CA LYS A 17 5.50 21.66 -0.59
C LYS A 17 6.69 22.55 -0.26
N LYS A 18 7.90 22.09 -0.35
CA LYS A 18 9.10 22.86 -0.07
C LYS A 18 9.96 22.77 -1.31
N SER A 19 9.32 22.25 -2.36
CA SER A 19 10.04 22.07 -3.64
C SER A 19 11.31 21.25 -3.45
N LEU A 20 11.27 20.22 -2.60
CA LEU A 20 12.43 19.31 -2.41
C LEU A 20 12.08 17.93 -2.97
N GLU A 21 12.99 17.30 -3.64
CA GLU A 21 12.78 15.99 -4.24
C GLU A 21 13.27 14.90 -3.28
N ASP A 22 12.61 13.75 -3.23
CA ASP A 22 13.19 12.62 -2.48
C ASP A 22 14.27 12.01 -3.39
N LYS A 23 15.07 11.20 -2.71
CA LYS A 23 16.28 10.67 -3.33
C LYS A 23 16.09 9.64 -4.41
N THR A 24 14.89 9.16 -4.72
CA THR A 24 14.77 8.17 -5.84
C THR A 24 13.59 8.50 -6.76
N GLU A 25 12.95 9.65 -6.63
CA GLU A 25 11.77 9.96 -7.43
C GLU A 25 12.12 10.14 -8.91
N ARG A 26 13.29 10.68 -9.13
CA ARG A 26 13.81 10.86 -10.48
C ARG A 26 13.78 9.50 -11.18
N GLU A 27 14.00 8.38 -10.49
CA GLU A 27 13.92 7.06 -11.14
C GLU A 27 12.51 6.83 -11.69
N LEU A 28 11.48 7.24 -10.99
CA LEU A 28 10.10 7.18 -11.47
C LEU A 28 9.84 8.12 -12.64
N LEU A 29 10.18 9.38 -12.60
CA LEU A 29 9.88 10.38 -13.62
C LEU A 29 10.58 10.09 -14.93
N GLU A 30 11.76 9.55 -14.93
CA GLU A 30 12.57 9.26 -16.09
C GLU A 30 12.00 8.10 -16.86
N SER A 31 11.20 7.30 -16.17
CA SER A 31 10.59 6.12 -16.79
C SER A 31 9.29 6.46 -17.52
N TYR A 32 8.71 7.61 -17.32
CA TYR A 32 7.41 8.01 -17.86
C TYR A 32 7.91 8.71 -19.09
N ILE A 33 8.88 7.96 -19.58
CA ILE A 33 9.76 8.41 -20.67
C ILE A 33 10.21 9.85 -20.43
N ILE B 1 9.53 -5.62 2.07
CA ILE B 1 10.29 -5.17 0.93
C ILE B 1 11.63 -5.92 0.99
N VAL B 2 11.90 -6.58 -0.13
CA VAL B 2 13.13 -7.30 -0.45
C VAL B 2 13.92 -6.48 -1.46
N GLU B 3 15.11 -6.14 -1.07
CA GLU B 3 16.01 -5.36 -1.92
C GLU B 3 15.55 -3.92 -2.09
N GLY B 4 14.95 -3.36 -1.06
CA GLY B 4 14.42 -2.00 -1.03
C GLY B 4 15.37 -1.08 -0.28
N SER B 5 14.89 0.07 0.18
CA SER B 5 15.87 0.92 0.93
C SER B 5 15.06 1.64 1.98
N ASP B 6 15.78 2.25 2.90
CA ASP B 6 15.09 2.88 4.04
C ASP B 6 14.35 4.12 3.52
N ALA B 7 13.09 4.24 3.85
CA ALA B 7 12.35 5.44 3.48
C ALA B 7 12.99 6.61 4.24
N GLU B 8 13.04 7.78 3.65
CA GLU B 8 13.40 9.08 4.21
C GLU B 8 12.28 9.57 5.10
N ILE B 9 12.53 10.45 6.04
CA ILE B 9 11.41 10.87 6.92
C ILE B 9 10.39 11.61 6.08
N GLY B 10 9.12 11.35 6.34
CA GLY B 10 8.04 12.05 5.60
C GLY B 10 7.96 11.67 4.13
N MET B 11 8.55 10.60 3.66
CA MET B 11 8.51 10.20 2.24
C MET B 11 7.18 9.64 1.79
N SER B 12 6.40 9.00 2.60
CA SER B 12 5.12 8.38 2.41
C SER B 12 4.21 8.65 3.61
N PRO B 13 3.67 9.85 3.66
CA PRO B 13 2.78 10.25 4.74
C PRO B 13 1.45 9.62 4.73
N TRP B 14 1.04 8.95 3.67
CA TRP B 14 -0.27 8.26 3.55
C TRP B 14 -0.14 6.82 4.07
N GLN B 15 1.05 6.34 4.31
CA GLN B 15 1.47 5.04 4.80
C GLN B 15 0.97 4.86 6.23
N VAL B 16 0.08 3.89 6.33
CA VAL B 16 -0.56 3.44 7.55
C VAL B 16 -0.15 2.00 7.91
N MET B 17 0.00 1.72 9.20
CA MET B 17 0.31 0.37 9.74
C MET B 17 -1.01 -0.19 10.25
N LEU B 18 -1.31 -1.41 9.91
CA LEU B 18 -2.50 -2.15 10.43
C LEU B 18 -2.04 -3.03 11.61
N PHE B 19 -2.58 -2.73 12.82
CA PHE B 19 -1.92 -3.40 13.96
C PHE B 19 -2.90 -4.14 14.82
N ARG B 20 -2.45 -5.34 15.16
CA ARG B 20 -3.25 -6.21 16.03
C ARG B 20 -2.95 -5.82 17.49
N LYS B 21 -4.07 -5.54 18.10
CA LYS B 21 -4.31 -5.17 19.49
C LYS B 21 -3.71 -6.26 20.39
N SER B 22 -4.20 -7.48 20.26
CA SER B 22 -3.74 -8.64 21.03
C SER B 22 -3.79 -10.00 20.31
N PRO B 23 -2.65 -10.66 20.11
CA PRO B 23 -1.33 -10.16 20.49
C PRO B 23 -0.99 -8.97 19.59
N GLN B 24 -0.27 -8.00 20.13
CA GLN B 24 0.19 -6.79 19.45
C GLN B 24 1.23 -7.10 18.35
N GLU B 25 0.78 -7.29 17.12
CA GLU B 25 1.61 -7.54 15.95
C GLU B 25 1.12 -6.80 14.69
N LEU B 26 2.03 -6.60 13.74
CA LEU B 26 1.71 -5.95 12.48
C LEU B 26 0.95 -6.94 11.60
N LEU B 27 -0.17 -6.52 11.07
CA LEU B 27 -0.99 -7.31 10.15
C LEU B 27 -0.63 -7.04 8.71
N CYS B 28 -0.68 -5.78 8.35
CA CYS B 28 -0.54 -5.30 6.98
C CYS B 28 -0.26 -3.78 6.90
N GLY B 29 -0.08 -3.33 5.68
CA GLY B 29 0.07 -1.90 5.35
C GLY B 29 -1.33 -1.44 4.92
N ALA B 30 -1.53 -0.17 4.65
CA ALA B 30 -2.81 0.42 4.25
C ALA B 30 -2.38 1.84 3.83
N SER B 31 -3.28 2.66 3.31
CA SER B 31 -2.99 4.05 3.00
C SER B 31 -4.16 4.94 3.44
N LEU B 32 -3.83 6.21 3.66
CA LEU B 32 -4.81 7.23 4.11
C LEU B 32 -5.22 7.96 2.83
N ILE B 33 -6.48 7.99 2.43
CA ILE B 33 -7.07 8.61 1.27
C ILE B 33 -7.92 9.86 1.57
N SER B 34 -8.20 10.03 2.85
CA SER B 34 -8.96 11.15 3.45
C SER B 34 -8.57 11.28 4.92
N ASP B 35 -9.34 12.06 5.68
CA ASP B 35 -9.06 12.17 7.10
C ASP B 35 -9.80 11.15 7.94
N ARG B 36 -10.70 10.38 7.37
CA ARG B 36 -11.41 9.35 8.13
C ARG B 36 -11.36 7.97 7.45
N TRP B 37 -10.85 7.84 6.28
CA TRP B 37 -10.82 6.65 5.43
C TRP B 37 -9.43 6.09 5.11
N VAL B 38 -9.32 4.78 5.27
CA VAL B 38 -8.07 4.03 5.08
C VAL B 38 -8.36 2.99 4.01
N LEU B 39 -7.51 2.73 3.04
CA LEU B 39 -7.65 1.76 1.95
C LEU B 39 -6.63 0.63 2.15
N THR B 40 -7.11 -0.60 2.15
CA THR B 40 -6.26 -1.78 2.37
C THR B 40 -6.83 -2.91 1.50
N ALA B 41 -6.19 -4.06 1.53
CA ALA B 41 -6.52 -5.27 0.78
C ALA B 41 -7.59 -6.01 1.55
N ALA B 42 -8.60 -6.61 0.92
CA ALA B 42 -9.53 -7.37 1.81
C ALA B 42 -8.86 -8.58 2.51
N HIS B 43 -7.82 -9.16 1.98
CA HIS B 43 -7.22 -10.39 2.49
C HIS B 43 -6.52 -10.17 3.81
N CYS B 44 -6.38 -8.88 4.12
CA CYS B 44 -5.81 -8.45 5.40
C CYS B 44 -6.83 -8.65 6.51
N LEU B 45 -8.11 -8.51 6.14
CA LEU B 45 -9.15 -8.64 7.17
C LEU B 45 -9.82 -10.01 7.21
N LEU B 46 -9.99 -10.57 6.02
CA LEU B 46 -10.80 -11.78 5.91
C LEU B 46 -10.20 -12.83 5.01
N TYR B 47 -9.87 -13.99 5.53
CA TYR B 47 -9.35 -15.05 4.64
C TYR B 47 -9.66 -16.41 5.25
N PRO B 48 -10.84 -16.90 4.95
CA PRO B 48 -11.30 -18.15 5.58
C PRO B 48 -10.34 -19.29 5.48
N PRO B 49 -9.61 -19.50 4.41
CA PRO B 49 -8.73 -20.66 4.38
C PRO B 49 -7.78 -20.73 5.57
N TRP B 50 -7.59 -19.61 6.22
CA TRP B 50 -6.59 -19.45 7.27
C TRP B 50 -7.31 -18.94 8.51
N ASP B 51 -8.56 -19.26 8.58
CA ASP B 51 -9.34 -18.84 9.75
C ASP B 51 -9.18 -17.38 10.11
N LYS B 52 -8.98 -16.51 9.15
CA LYS B 52 -8.81 -15.07 9.44
C LYS B 52 -10.11 -14.35 9.16
N ASN B 53 -10.62 -13.62 10.14
CA ASN B 53 -11.82 -12.80 10.02
C ASN B 53 -11.81 -11.73 11.12
N PHE B 54 -10.98 -10.74 10.93
CA PHE B 54 -10.81 -9.60 11.83
C PHE B 54 -12.03 -8.70 11.81
N THR B 55 -12.28 -8.18 13.00
CA THR B 55 -13.34 -7.21 13.23
C THR B 55 -12.76 -5.84 13.56
N GLU B 56 -13.64 -4.89 13.65
CA GLU B 56 -13.40 -3.50 13.99
C GLU B 56 -12.80 -3.28 15.37
N ASN B 57 -13.14 -4.15 16.29
CA ASN B 57 -12.68 -4.03 17.67
C ASN B 57 -11.38 -4.80 17.83
N ASP B 58 -10.99 -5.44 16.77
CA ASP B 58 -9.79 -6.30 16.76
C ASP B 58 -8.51 -5.57 16.46
N LEU B 59 -8.64 -4.40 15.85
CA LEU B 59 -7.40 -3.75 15.39
C LEU B 59 -7.26 -2.24 15.69
N LEU B 60 -6.05 -1.80 15.43
CA LEU B 60 -5.61 -0.41 15.45
C LEU B 60 -4.91 0.04 14.16
N VAL B 61 -5.25 1.21 13.71
CA VAL B 61 -4.65 1.97 12.62
C VAL B 61 -3.64 2.95 13.24
N ARG B 62 -2.39 2.89 12.89
CA ARG B 62 -1.27 3.72 13.25
C ARG B 62 -0.68 4.45 12.06
N ILE B 63 -0.90 5.77 12.07
CA ILE B 63 -0.45 6.69 11.02
C ILE B 63 0.70 7.59 11.38
N GLY B 64 1.61 7.94 10.47
CA GLY B 64 2.69 8.86 10.82
C GLY B 64 3.98 8.22 11.26
N LYS B 65 4.03 6.90 11.04
CA LYS B 65 5.15 6.08 11.46
C LYS B 65 6.30 5.88 10.47
N HIS B 66 7.47 5.70 11.13
CA HIS B 66 8.76 5.52 10.40
C HIS B 66 9.38 4.21 10.85
N SER B 67 9.40 4.10 12.16
CA SER B 67 9.89 2.96 12.93
C SER B 67 8.83 1.85 12.90
N ARG B 68 9.26 0.61 12.76
CA ARG B 68 8.34 -0.54 12.79
C ARG B 68 7.71 -0.80 14.16
N THR B 69 8.54 -0.86 15.16
CA THR B 69 8.24 -1.16 16.56
C THR B 69 8.24 -0.10 17.65
N ARG B 70 8.97 1.00 17.53
CA ARG B 70 8.86 1.96 18.64
C ARG B 70 7.51 2.64 18.50
N TYR B 71 7.04 3.26 19.55
CA TYR B 71 5.76 4.00 19.55
C TYR B 71 6.25 5.43 19.34
N GLU B 72 6.16 6.05 18.21
CA GLU B 72 6.76 7.39 18.02
C GLU B 72 5.89 8.49 18.56
N ARG B 73 6.11 8.80 19.84
CA ARG B 73 5.39 9.73 20.69
C ARG B 73 5.42 11.13 20.06
N ASN B 74 4.24 11.74 20.00
CA ASN B 74 4.14 13.06 19.41
C ASN B 74 4.25 13.03 17.89
N ILE B 75 4.59 11.92 17.26
CA ILE B 75 4.67 11.90 15.78
C ILE B 75 3.47 11.12 15.24
N GLU B 76 3.49 9.84 15.57
CA GLU B 76 2.43 8.95 15.08
C GLU B 76 1.10 9.07 15.77
N LYS B 77 -0.01 8.79 15.16
CA LYS B 77 -1.38 8.78 15.64
C LYS B 77 -1.98 7.37 15.44
N ILE B 78 -2.49 6.80 16.49
CA ILE B 78 -3.16 5.49 16.59
C ILE B 78 -4.66 5.69 16.58
N SER B 79 -5.49 5.11 15.75
CA SER B 79 -6.94 5.29 15.72
C SER B 79 -7.66 3.91 15.73
N MET B 80 -8.95 4.13 15.87
CA MET B 80 -9.96 3.12 16.02
C MET B 80 -10.89 3.09 14.84
N LEU B 81 -11.25 1.85 14.55
CA LEU B 81 -12.06 1.61 13.33
C LEU B 81 -13.49 1.87 13.76
N GLU B 82 -14.22 2.53 12.89
CA GLU B 82 -15.63 2.69 13.30
C GLU B 82 -16.33 1.60 12.48
N LYS B 83 -15.69 1.25 11.37
CA LYS B 83 -16.38 0.26 10.51
C LYS B 83 -15.47 -0.24 9.41
N ILE B 84 -15.65 -1.47 8.99
CA ILE B 84 -14.95 -2.12 7.88
C ILE B 84 -15.92 -2.53 6.76
N TYR B 85 -15.50 -2.28 5.53
CA TYR B 85 -16.26 -2.66 4.35
C TYR B 85 -15.33 -3.40 3.36
N ILE B 86 -15.74 -4.62 3.04
CA ILE B 86 -15.07 -5.49 2.10
C ILE B 86 -15.87 -5.39 0.80
N HIS B 87 -15.27 -5.59 -0.33
CA HIS B 87 -16.00 -5.49 -1.61
C HIS B 87 -16.91 -6.72 -1.62
N PRO B 88 -18.20 -6.52 -1.85
CA PRO B 88 -19.16 -7.61 -1.94
C PRO B 88 -18.67 -8.71 -2.89
N ARG B 89 -17.83 -8.41 -3.86
CA ARG B 89 -17.39 -9.51 -4.73
C ARG B 89 -15.95 -9.92 -4.64
N TYR B 90 -15.36 -9.66 -3.48
CA TYR B 90 -13.96 -10.11 -3.26
C TYR B 90 -13.99 -11.63 -3.36
N ASN B 91 -13.08 -12.19 -4.11
CA ASN B 91 -12.96 -13.63 -4.41
C ASN B 91 -11.83 -14.27 -3.63
N TRP B 92 -12.18 -14.77 -2.45
CA TRP B 92 -11.09 -15.38 -1.65
C TRP B 92 -10.91 -16.83 -2.06
N ARG B 93 -11.96 -17.43 -2.56
CA ARG B 93 -11.94 -18.84 -2.95
C ARG B 93 -11.06 -19.14 -4.15
N GLU B 94 -11.12 -18.27 -5.16
CA GLU B 94 -10.31 -18.52 -6.34
C GLU B 94 -9.00 -17.76 -6.45
N ASN B 95 -9.09 -16.46 -6.78
CA ASN B 95 -7.87 -15.67 -7.04
C ASN B 95 -7.69 -14.39 -6.28
N LEU B 96 -8.46 -14.10 -5.21
CA LEU B 96 -8.29 -12.81 -4.54
C LEU B 96 -8.56 -11.61 -5.45
N ASP B 97 -9.53 -11.83 -6.30
CA ASP B 97 -10.10 -10.86 -7.25
C ASP B 97 -10.91 -9.93 -6.30
N ARG B 98 -10.71 -8.67 -6.60
CA ARG B 98 -11.33 -7.54 -5.86
C ARG B 98 -10.82 -7.55 -4.44
N ASP B 99 -9.57 -7.67 -4.23
CA ASP B 99 -8.93 -7.66 -2.88
C ASP B 99 -8.89 -6.21 -2.40
N ILE B 100 -9.96 -5.61 -1.93
CA ILE B 100 -9.98 -4.18 -1.53
C ILE B 100 -10.95 -3.98 -0.39
N ALA B 101 -10.63 -3.24 0.68
CA ALA B 101 -11.60 -2.96 1.76
C ALA B 101 -11.35 -1.47 2.03
N LEU B 102 -12.30 -0.83 2.66
CA LEU B 102 -12.31 0.53 3.16
C LEU B 102 -12.59 0.44 4.68
N MET B 103 -11.84 1.32 5.33
CA MET B 103 -12.00 1.39 6.81
C MET B 103 -12.42 2.82 7.15
N LYS B 104 -13.50 2.94 7.89
CA LYS B 104 -13.90 4.31 8.35
C LYS B 104 -13.37 4.43 9.78
N LEU B 105 -12.53 5.44 10.00
CA LEU B 105 -11.91 5.64 11.34
C LEU B 105 -12.88 6.25 12.33
N LYS B 106 -12.75 5.96 13.60
CA LYS B 106 -13.65 6.55 14.61
C LYS B 106 -13.63 8.06 14.66
N LYS B 107 -12.52 8.71 14.40
CA LYS B 107 -12.46 10.18 14.35
C LYS B 107 -11.49 10.59 13.24
N PRO B 108 -11.79 11.70 12.60
CA PRO B 108 -10.88 12.27 11.59
C PRO B 108 -9.52 12.41 12.24
N VAL B 109 -8.53 12.31 11.39
CA VAL B 109 -7.14 12.44 11.85
C VAL B 109 -6.61 13.77 11.35
N ALA B 110 -5.73 14.44 12.08
CA ALA B 110 -5.22 15.71 11.55
C ALA B 110 -3.87 15.42 10.88
N PHE B 111 -3.65 16.21 9.86
CA PHE B 111 -2.53 16.22 8.92
C PHE B 111 -1.35 16.86 9.58
N SER B 112 -0.11 16.49 9.33
CA SER B 112 1.02 17.13 10.01
C SER B 112 2.08 17.00 8.92
N ASP B 113 3.34 17.00 9.17
CA ASP B 113 4.35 16.77 8.14
C ASP B 113 4.55 15.28 7.79
N TYR B 114 4.05 14.45 8.70
CA TYR B 114 4.22 13.01 8.65
C TYR B 114 2.98 12.24 8.21
N ILE B 115 1.86 12.88 8.32
CA ILE B 115 0.53 12.42 8.00
C ILE B 115 -0.13 13.23 6.88
N HIS B 116 -0.31 12.70 5.70
CA HIS B 116 -0.95 13.38 4.55
C HIS B 116 -1.47 12.31 3.58
N PRO B 117 -2.66 12.48 3.02
CA PRO B 117 -3.28 11.45 2.19
C PRO B 117 -2.79 11.53 0.75
N VAL B 118 -3.03 10.43 0.06
CA VAL B 118 -2.65 10.24 -1.34
C VAL B 118 -3.94 10.41 -2.14
N CYS B 119 -3.69 10.71 -3.40
CA CYS B 119 -4.80 11.00 -4.31
C CYS B 119 -5.27 9.67 -4.90
N LEU B 120 -6.49 9.59 -5.37
CA LEU B 120 -7.03 8.42 -6.07
C LEU B 120 -7.11 8.88 -7.52
N PRO B 121 -6.69 7.94 -8.39
CA PRO B 121 -6.59 8.30 -9.79
C PRO B 121 -7.97 8.67 -10.32
N ASP B 122 -7.99 9.48 -11.35
CA ASP B 122 -9.26 9.78 -12.06
C ASP B 122 -8.99 9.03 -13.35
N ARG B 123 -10.00 8.65 -14.11
CA ARG B 123 -9.79 7.93 -15.35
C ARG B 123 -8.66 8.32 -16.29
N GLU B 124 -8.29 9.57 -16.42
CA GLU B 124 -7.26 9.99 -17.40
C GLU B 124 -5.88 9.87 -16.79
N THR B 125 -5.90 9.91 -15.46
CA THR B 125 -4.62 9.71 -14.75
C THR B 125 -4.20 8.24 -14.93
N ALA B 126 -5.10 7.32 -14.79
CA ALA B 126 -4.78 5.89 -14.83
C ALA B 126 -4.33 5.50 -16.21
N ALA B 127 -4.96 6.19 -17.16
CA ALA B 127 -4.69 5.97 -18.57
C ALA B 127 -3.29 6.38 -18.94
N SER B 128 -2.87 7.58 -18.55
CA SER B 128 -1.51 7.96 -18.91
C SER B 128 -0.41 7.27 -18.12
N LEU B 129 -0.59 6.77 -16.93
CA LEU B 129 0.52 6.23 -16.14
C LEU B 129 0.54 4.74 -15.95
N LEU B 130 -0.61 4.11 -16.02
CA LEU B 130 -0.70 2.62 -15.91
C LEU B 130 -0.29 2.00 -17.25
N GLN B 131 0.97 1.97 -17.55
CA GLN B 131 1.74 1.47 -18.67
C GLN B 131 2.98 0.66 -18.30
N ALA B 132 3.24 -0.40 -19.05
CA ALA B 132 4.29 -1.39 -18.95
C ALA B 132 5.59 -0.60 -19.11
N GLY B 133 6.51 -0.83 -18.17
CA GLY B 133 7.77 -0.11 -18.25
C GLY B 133 7.88 1.06 -17.27
N TYR B 134 6.76 1.71 -17.00
CA TYR B 134 6.63 2.78 -16.01
C TYR B 134 6.76 2.17 -14.61
N LYS B 135 7.57 2.82 -13.81
CA LYS B 135 7.79 2.48 -12.41
C LYS B 135 6.86 3.16 -11.39
N GLY B 136 6.47 2.39 -10.40
CA GLY B 136 5.64 2.71 -9.26
C GLY B 136 6.47 2.39 -8.02
N ARG B 137 6.03 2.77 -6.86
CA ARG B 137 6.83 2.66 -5.62
C ARG B 137 5.97 1.97 -4.58
N VAL B 138 6.58 1.02 -3.83
CA VAL B 138 5.81 0.35 -2.77
C VAL B 138 6.58 0.62 -1.47
N THR B 139 5.86 0.71 -0.40
CA THR B 139 6.53 0.91 0.90
C THR B 139 5.93 -0.04 1.92
N GLY B 140 6.68 -0.42 2.94
CA GLY B 140 6.07 -1.37 3.89
C GLY B 140 7.10 -1.76 4.93
N TRP B 141 6.69 -2.36 6.02
CA TRP B 141 7.59 -2.84 7.08
C TRP B 141 7.75 -4.35 6.96
N GLY B 142 7.32 -4.93 5.86
CA GLY B 142 7.32 -6.36 5.63
C GLY B 142 8.74 -6.93 5.56
N ASN B 143 8.73 -8.26 5.56
CA ASN B 143 9.92 -9.10 5.47
C ASN B 143 10.86 -8.55 4.42
N LEU B 144 12.15 -8.57 4.73
CA LEU B 144 13.14 -8.15 3.73
C LEU B 144 13.64 -9.42 3.04
N LYS B 145 13.05 -10.52 3.47
CA LYS B 145 13.50 -11.84 3.01
C LYS B 145 12.42 -12.85 2.65
N GLU B 146 12.57 -13.54 1.54
CA GLU B 146 11.65 -14.52 0.96
C GLU B 146 10.74 -15.27 1.94
N GLY B 155 15.34 -10.43 8.97
CA GLY B 155 14.04 -10.74 8.38
C GLY B 155 13.04 -9.59 8.50
N GLN B 156 13.33 -8.62 9.35
CA GLN B 156 12.44 -7.46 9.57
C GLN B 156 13.16 -6.12 9.63
N PRO B 157 12.57 -5.12 8.98
CA PRO B 157 13.18 -3.80 8.90
C PRO B 157 13.12 -3.13 10.29
N SER B 158 13.92 -2.09 10.49
CA SER B 158 13.77 -1.38 11.77
C SER B 158 12.98 -0.14 11.32
N VAL B 159 13.13 0.12 10.04
CA VAL B 159 12.41 1.34 9.51
C VAL B 159 11.72 0.96 8.20
N LEU B 160 10.73 1.75 7.84
CA LEU B 160 9.96 1.70 6.60
C LEU B 160 10.85 1.55 5.37
N GLN B 161 10.61 0.55 4.57
CA GLN B 161 11.44 0.35 3.36
C GLN B 161 10.65 0.80 2.13
N VAL B 162 11.35 1.15 1.09
CA VAL B 162 10.81 1.52 -0.19
C VAL B 162 11.51 0.67 -1.27
N VAL B 163 10.92 0.56 -2.42
CA VAL B 163 11.47 -0.06 -3.65
C VAL B 163 10.58 0.50 -4.77
N ASN B 164 11.16 0.73 -5.91
CA ASN B 164 10.50 1.31 -7.10
C ASN B 164 10.48 0.12 -8.06
N LEU B 165 9.50 -0.13 -8.86
CA LEU B 165 9.39 -1.33 -9.68
C LEU B 165 8.67 -0.97 -10.96
N PRO B 166 8.97 -1.77 -11.96
CA PRO B 166 8.29 -1.44 -13.21
C PRO B 166 6.97 -2.20 -13.35
N ILE B 167 5.95 -1.60 -13.95
CA ILE B 167 4.77 -2.39 -14.31
C ILE B 167 5.17 -3.33 -15.44
N VAL B 168 4.77 -4.60 -15.44
CA VAL B 168 4.99 -5.62 -16.47
C VAL B 168 3.70 -5.81 -17.30
N GLU B 169 3.85 -6.12 -18.57
CA GLU B 169 2.84 -6.37 -19.61
C GLU B 169 1.98 -7.57 -19.25
N ARG B 170 0.68 -7.45 -19.41
CA ARG B 170 -0.35 -8.42 -19.07
C ARG B 170 0.09 -9.85 -19.44
N PRO B 171 0.51 -10.05 -20.68
CA PRO B 171 0.90 -11.36 -21.18
C PRO B 171 2.00 -11.94 -20.32
N VAL B 172 3.08 -11.25 -20.12
CA VAL B 172 4.15 -11.73 -19.21
C VAL B 172 3.56 -12.05 -17.86
N CYS B 173 2.69 -11.20 -17.29
CA CYS B 173 2.11 -11.54 -15.98
C CYS B 173 1.38 -12.90 -16.15
N LYS B 174 0.38 -12.99 -17.01
CA LYS B 174 -0.36 -14.25 -17.19
C LYS B 174 0.49 -15.49 -17.32
N ASP B 175 1.60 -15.47 -17.99
CA ASP B 175 2.48 -16.61 -18.26
C ASP B 175 3.49 -16.96 -17.18
N SER B 176 3.43 -16.35 -16.04
CA SER B 176 4.41 -16.55 -14.97
C SER B 176 3.68 -17.29 -13.87
N THR B 177 2.37 -17.42 -14.00
CA THR B 177 1.70 -18.16 -12.89
C THR B 177 0.69 -19.10 -13.50
N ARG B 178 0.03 -19.81 -12.61
CA ARG B 178 -1.08 -20.73 -12.85
C ARG B 178 -2.37 -20.10 -12.34
N ILE B 179 -2.32 -19.02 -11.60
CA ILE B 179 -3.50 -18.30 -11.10
C ILE B 179 -4.19 -17.59 -12.29
N ARG B 180 -5.50 -17.44 -12.17
CA ARG B 180 -6.31 -16.74 -13.19
C ARG B 180 -6.35 -15.22 -12.94
N ILE B 181 -5.58 -14.47 -13.70
CA ILE B 181 -5.41 -12.99 -13.66
C ILE B 181 -6.62 -12.31 -14.28
N THR B 182 -7.16 -11.33 -13.60
CA THR B 182 -8.39 -10.61 -14.03
C THR B 182 -8.07 -9.19 -14.39
N ASP B 183 -8.96 -8.47 -14.97
CA ASP B 183 -8.86 -7.06 -15.35
C ASP B 183 -8.74 -6.17 -14.11
N ASN B 184 -9.09 -6.63 -12.92
CA ASN B 184 -8.88 -5.88 -11.67
C ASN B 184 -7.48 -6.10 -11.12
N MET B 185 -6.52 -6.65 -11.80
CA MET B 185 -5.16 -6.87 -11.27
C MET B 185 -4.15 -6.38 -12.29
N PHE B 186 -2.96 -6.05 -11.84
CA PHE B 186 -1.81 -5.69 -12.68
C PHE B 186 -0.66 -6.32 -11.90
N CYS B 187 0.48 -6.65 -12.49
CA CYS B 187 1.60 -7.26 -11.76
C CYS B 187 2.82 -6.35 -11.89
N ALA B 188 3.75 -6.36 -10.97
CA ALA B 188 4.90 -5.43 -11.19
C ALA B 188 6.17 -6.14 -10.72
N GLY B 189 7.32 -5.81 -11.28
CA GLY B 189 8.57 -6.48 -10.90
C GLY B 189 9.49 -6.43 -12.12
N TYR B 190 10.73 -6.76 -11.82
CA TYR B 190 11.79 -6.74 -12.86
C TYR B 190 11.86 -8.13 -13.51
N LYS B 191 12.27 -8.22 -14.75
CA LYS B 191 12.44 -9.53 -15.42
C LYS B 191 13.78 -10.08 -14.97
N PRO B 192 14.02 -11.39 -14.99
CA PRO B 192 15.28 -11.99 -14.50
C PRO B 192 16.48 -11.47 -15.25
N ASP B 193 16.14 -10.99 -16.43
CA ASP B 193 17.08 -10.46 -17.43
C ASP B 193 17.52 -9.07 -17.00
N GLU B 194 16.54 -8.22 -16.78
CA GLU B 194 16.74 -6.84 -16.37
C GLU B 194 17.74 -6.91 -15.22
N GLY B 195 17.64 -8.05 -14.56
CA GLY B 195 18.60 -8.29 -13.46
C GLY B 195 18.76 -7.01 -12.61
N LYS B 196 17.69 -6.80 -11.87
CA LYS B 196 17.39 -5.86 -10.81
C LYS B 196 16.39 -6.64 -9.97
N ARG B 197 16.48 -6.51 -8.67
CA ARG B 197 15.56 -7.16 -7.72
C ARG B 197 14.75 -6.09 -6.95
N GLY B 198 13.75 -6.59 -6.26
CA GLY B 198 12.91 -5.78 -5.36
C GLY B 198 11.52 -6.41 -5.42
N ASP B 199 10.86 -6.36 -4.29
CA ASP B 199 9.50 -6.91 -4.24
C ASP B 199 8.95 -6.66 -2.85
N ALA B 200 7.64 -6.67 -2.73
CA ALA B 200 6.89 -6.63 -1.49
C ALA B 200 7.22 -7.99 -0.85
N CYS B 201 6.76 -8.25 0.34
CA CYS B 201 6.97 -9.52 1.05
C CYS B 201 5.97 -9.45 2.20
N GLU B 202 5.84 -10.61 2.81
CA GLU B 202 4.87 -10.82 3.91
C GLU B 202 4.99 -9.63 4.85
N GLY B 203 3.84 -9.02 5.08
CA GLY B 203 3.85 -7.91 6.05
C GLY B 203 3.44 -6.65 5.28
N ASP B 204 3.79 -6.72 3.99
CA ASP B 204 3.63 -5.62 3.07
C ASP B 204 2.22 -5.51 2.44
N SER B 205 1.46 -6.58 2.49
CA SER B 205 0.15 -6.55 1.83
C SER B 205 -0.66 -5.37 2.34
N GLY B 206 -1.57 -4.91 1.53
CA GLY B 206 -2.51 -3.82 1.86
C GLY B 206 -1.81 -2.49 1.69
N GLY B 207 -0.53 -2.42 1.51
CA GLY B 207 0.10 -1.07 1.45
C GLY B 207 -0.18 -0.59 0.03
N PRO B 208 0.26 0.64 -0.27
CA PRO B 208 0.08 1.22 -1.61
C PRO B 208 1.21 1.05 -2.61
N PHE B 209 0.90 1.05 -3.89
CA PHE B 209 1.72 1.07 -5.12
C PHE B 209 1.41 2.51 -5.61
N VAL B 210 2.34 3.42 -5.72
CA VAL B 210 1.94 4.81 -6.01
C VAL B 210 2.85 5.29 -7.12
N MET B 211 2.36 6.24 -7.89
CA MET B 211 3.12 6.85 -8.99
C MET B 211 3.03 8.36 -8.80
N LYS B 212 3.97 9.11 -9.23
CA LYS B 212 3.83 10.58 -9.18
C LYS B 212 3.41 11.10 -10.56
N SER B 213 2.42 11.96 -10.69
CA SER B 213 2.09 12.55 -11.99
C SER B 213 3.13 13.57 -12.48
N PRO B 214 3.54 13.38 -13.73
CA PRO B 214 4.47 14.33 -14.37
C PRO B 214 3.81 15.64 -14.83
N PHE B 215 2.52 15.78 -14.78
CA PHE B 215 1.68 16.88 -15.21
C PHE B 215 1.38 17.79 -14.02
N ASN B 216 0.88 17.23 -12.93
CA ASN B 216 0.58 18.02 -11.73
C ASN B 216 1.39 17.74 -10.47
N ASN B 217 2.46 16.95 -10.48
CA ASN B 217 3.33 16.69 -9.35
C ASN B 217 2.81 15.93 -8.16
N ARG B 218 1.62 15.40 -8.36
CA ARG B 218 1.01 14.65 -7.27
C ARG B 218 1.34 13.16 -7.30
N TRP B 219 1.08 12.61 -6.12
CA TRP B 219 1.21 11.15 -5.90
C TRP B 219 -0.16 10.52 -5.93
N TYR B 220 -0.33 9.52 -6.76
CA TYR B 220 -1.58 8.77 -6.95
C TYR B 220 -1.44 7.31 -6.51
N GLN B 221 -2.33 6.78 -5.68
CA GLN B 221 -2.12 5.38 -5.37
C GLN B 221 -2.65 4.60 -6.58
N MET B 222 -1.94 3.80 -7.32
CA MET B 222 -2.59 3.07 -8.44
C MET B 222 -2.94 1.61 -8.12
N GLY B 223 -2.21 1.04 -7.17
CA GLY B 223 -2.43 -0.34 -6.74
C GLY B 223 -2.36 -0.50 -5.24
N ILE B 224 -2.79 -1.65 -4.75
CA ILE B 224 -2.75 -2.16 -3.41
C ILE B 224 -1.92 -3.43 -3.43
N VAL B 225 -1.03 -3.64 -2.47
CA VAL B 225 -0.23 -4.88 -2.48
C VAL B 225 -1.18 -6.06 -2.25
N SER B 226 -1.28 -6.99 -3.25
CA SER B 226 -2.22 -8.10 -3.12
C SER B 226 -1.60 -9.47 -2.92
N TRP B 227 -1.11 -10.10 -3.98
CA TRP B 227 -0.54 -11.46 -3.80
C TRP B 227 0.64 -11.61 -4.73
N GLY B 228 1.40 -12.65 -4.53
CA GLY B 228 2.60 -12.98 -5.32
C GLY B 228 3.01 -14.38 -4.81
N GLU B 229 3.98 -14.99 -5.47
CA GLU B 229 4.35 -16.35 -4.94
C GLU B 229 5.84 -16.30 -4.66
N GLY B 230 6.07 -16.23 -3.36
CA GLY B 230 7.44 -16.00 -2.84
C GLY B 230 7.65 -14.48 -2.86
N CYS B 231 8.86 -14.08 -2.58
CA CYS B 231 9.37 -12.72 -2.53
C CYS B 231 10.67 -12.68 -3.38
N ASP B 232 10.54 -11.87 -4.41
CA ASP B 232 11.76 -11.64 -5.22
C ASP B 232 12.26 -12.95 -5.83
N ARG B 233 11.31 -13.73 -6.28
CA ARG B 233 11.51 -14.98 -7.03
C ARG B 233 11.73 -14.61 -8.49
N ASP B 234 12.60 -15.32 -9.18
CA ASP B 234 12.80 -14.93 -10.62
C ASP B 234 11.65 -15.51 -11.45
N GLY B 235 11.27 -14.66 -12.39
CA GLY B 235 10.17 -14.93 -13.31
C GLY B 235 8.82 -14.78 -12.60
N LYS B 236 8.75 -14.54 -11.29
CA LYS B 236 7.43 -14.38 -10.64
C LYS B 236 7.36 -12.87 -10.34
N TYR B 237 6.16 -12.35 -10.18
CA TYR B 237 5.83 -10.96 -10.02
C TYR B 237 4.76 -10.72 -8.97
N GLY B 238 4.66 -9.46 -8.54
CA GLY B 238 3.63 -9.06 -7.57
C GLY B 238 2.34 -8.69 -8.31
N PHE B 239 1.26 -9.05 -7.66
CA PHE B 239 -0.10 -8.81 -8.16
C PHE B 239 -0.64 -7.75 -7.21
N TYR B 240 -1.34 -6.81 -7.79
CA TYR B 240 -1.84 -5.64 -7.11
C TYR B 240 -3.27 -5.39 -7.51
N THR B 241 -4.07 -4.88 -6.59
CA THR B 241 -5.44 -4.55 -7.02
C THR B 241 -5.39 -3.24 -7.82
N HIS B 242 -6.09 -3.29 -8.94
CA HIS B 242 -6.21 -2.16 -9.88
C HIS B 242 -7.19 -1.17 -9.26
N VAL B 243 -6.75 -0.14 -8.60
CA VAL B 243 -7.56 0.80 -7.78
C VAL B 243 -8.50 1.54 -8.74
N PHE B 244 -8.11 2.02 -9.90
CA PHE B 244 -9.14 2.75 -10.72
C PHE B 244 -10.25 1.81 -11.17
N ARG B 245 -10.02 0.55 -11.51
CA ARG B 245 -11.08 -0.34 -11.94
C ARG B 245 -12.07 -0.44 -10.81
N LEU B 246 -11.67 -0.28 -9.57
CA LEU B 246 -12.60 -0.40 -8.44
C LEU B 246 -13.10 0.94 -7.90
N LYS B 247 -12.81 2.03 -8.52
CA LYS B 247 -13.06 3.40 -8.17
C LYS B 247 -14.52 3.68 -7.83
N LYS B 248 -15.38 3.15 -8.66
CA LYS B 248 -16.82 3.36 -8.52
C LYS B 248 -17.42 2.70 -7.31
N TRP B 249 -16.76 1.73 -6.68
CA TRP B 249 -17.26 1.05 -5.48
C TRP B 249 -16.82 1.92 -4.30
N ILE B 250 -15.60 2.38 -4.44
CA ILE B 250 -14.95 3.28 -3.50
C ILE B 250 -15.78 4.55 -3.29
N GLN B 251 -16.34 5.14 -4.34
CA GLN B 251 -17.17 6.36 -4.19
C GLN B 251 -18.52 6.07 -3.55
N LYS B 252 -18.96 4.87 -3.91
CA LYS B 252 -20.21 4.31 -3.42
C LYS B 252 -20.13 4.21 -1.91
N VAL B 253 -19.15 3.55 -1.30
CA VAL B 253 -19.18 3.41 0.15
C VAL B 253 -18.91 4.74 0.85
N ILE B 254 -18.11 5.55 0.16
CA ILE B 254 -17.81 6.86 0.79
C ILE B 254 -19.03 7.80 0.83
N ASP B 255 -19.81 7.89 -0.25
CA ASP B 255 -20.98 8.79 -0.14
C ASP B 255 -22.09 8.11 0.67
N GLN B 256 -22.70 7.06 0.18
CA GLN B 256 -23.71 6.28 0.92
C GLN B 256 -23.49 6.46 2.42
N ASP C 1 8.07 -7.88 19.88
CA ASP C 1 9.20 -7.03 19.45
C ASP C 1 8.87 -5.54 19.46
N PHE C 2 7.60 -5.27 19.63
CA PHE C 2 6.98 -3.98 19.66
C PHE C 2 7.06 -3.30 21.02
N GLU C 3 7.33 -2.00 21.02
CA GLU C 3 7.27 -1.29 22.32
C GLU C 3 5.79 -1.07 22.66
N GLU C 4 5.57 -0.86 23.93
CA GLU C 4 4.29 -0.73 24.60
C GLU C 4 3.52 0.49 24.10
N ILE C 5 2.29 0.29 23.63
CA ILE C 5 1.55 1.52 23.24
C ILE C 5 0.70 1.96 24.44
N PRO C 6 0.32 3.22 24.43
CA PRO C 6 -0.55 3.73 25.49
C PRO C 6 -1.87 2.95 25.46
N GLY C 7 -2.39 2.71 26.65
CA GLY C 7 -3.65 2.01 26.93
C GLY C 7 -4.72 3.04 26.54
N GLU C 8 -4.31 4.31 26.53
CA GLU C 8 -5.33 5.30 26.10
C GLU C 8 -6.06 4.70 24.89
N TYR C 9 -5.25 4.16 24.02
CA TYR C 9 -5.54 3.65 22.67
C TYR C 9 -5.84 2.17 22.53
N LEU C 10 -6.71 1.60 23.34
CA LEU C 10 -7.14 0.20 23.36
C LEU C 10 -8.58 0.16 23.90
RB RB D . 10.66 -10.80 -9.78
RB RB E . -1.10 -19.09 -17.15
#